data_4W7V
#
_entry.id   4W7V
#
_cell.length_a   79.186
_cell.length_b   81.756
_cell.length_c   48.168
_cell.angle_alpha   90.000
_cell.angle_beta   90.000
_cell.angle_gamma   90.000
#
_symmetry.space_group_name_H-M   'P 21 21 2'
#
loop_
_entity.id
_entity.type
_entity.pdbx_description
1 polymer Cellulase
2 branched beta-D-glucopyranose-(1-4)-beta-D-glucopyranose
3 water water
#
_entity_poly.entity_id   1
_entity_poly.type   'polypeptide(L)'
_entity_poly.pdbx_seq_one_letter_code
;MGSSHHHHHHSSGLVPRGSHMLKYVGVNLSGAEFNSRKKPGTLFKDYTYPAASDFSYFAGKGMNTIRLPFLWERVQPELN
GPLDQAQLGLIKKSLEAAKANKQYLILDLHNYATYSGKRIGTSDVPAGALADLWRRLALEFKDDKAVIFGLMNEPNGISA
PDWANAAQGTITAIRKTGAKNLILVPGTAYTGAHSWRSTSYGVSNAKALEILKDPGNNLAFEAHQYLDKDYSGTKPVCTS
DSVGQEKLQGFTSWLRENKQKGFLGEFATANNPVCDKALEGMLTYMEKNSDVWLGWTWWAAGAWWKPDYPFTVQPGKDGS
DKPQMAILSKYA
;
_entity_poly.pdbx_strand_id   A
#
loop_
_chem_comp.id
_chem_comp.type
_chem_comp.name
_chem_comp.formula
BGC D-saccharide, beta linking beta-D-glucopyranose 'C6 H12 O6'
#
# COMPACT_ATOMS: atom_id res chain seq x y z
N HIS A 20 -13.92 7.39 -12.00
CA HIS A 20 -12.43 7.52 -11.85
C HIS A 20 -11.73 7.44 -13.20
N MET A 21 -10.87 8.41 -13.49
CA MET A 21 -10.03 8.35 -14.68
C MET A 21 -8.89 7.37 -14.46
N LEU A 22 -8.56 7.11 -13.19
CA LEU A 22 -7.52 6.13 -12.86
C LEU A 22 -8.12 4.74 -12.75
N LYS A 23 -7.32 3.71 -13.01
CA LYS A 23 -7.84 2.35 -13.01
C LYS A 23 -8.28 1.87 -11.64
N TYR A 24 -7.49 2.16 -10.62
CA TYR A 24 -7.74 1.70 -9.26
C TYR A 24 -7.85 2.86 -8.30
N VAL A 25 -8.98 3.01 -7.66
CA VAL A 25 -9.13 4.02 -6.61
C VAL A 25 -9.84 3.43 -5.42
N GLY A 26 -9.33 3.78 -4.24
CA GLY A 26 -9.96 3.31 -3.03
C GLY A 26 -9.27 3.69 -1.76
N VAL A 27 -9.36 2.79 -0.78
CA VAL A 27 -8.92 3.05 0.58
C VAL A 27 -8.19 1.85 1.16
N ASN A 28 -7.33 2.15 2.14
CA ASN A 28 -6.80 1.17 3.07
C ASN A 28 -7.83 0.83 4.11
N LEU A 29 -8.12 -0.46 4.29
CA LEU A 29 -8.91 -0.92 5.45
C LEU A 29 -7.93 -1.45 6.47
N SER A 30 -7.62 -0.58 7.42
CA SER A 30 -6.61 -0.83 8.43
C SER A 30 -7.19 -1.53 9.64
N GLY A 31 -6.38 -2.42 10.23
CA GLY A 31 -6.79 -3.09 11.46
C GLY A 31 -6.11 -4.42 11.70
N ALA A 32 -5.76 -5.13 10.62
CA ALA A 32 -5.15 -6.45 10.77
C ALA A 32 -3.68 -6.34 11.15
N GLU A 33 -3.12 -5.15 10.97
CA GLU A 33 -1.72 -4.88 11.25
C GLU A 33 -1.52 -4.22 12.61
N PHE A 34 -2.61 -4.00 13.34
CA PHE A 34 -2.55 -3.32 14.62
C PHE A 34 -1.78 -4.12 15.65
N ASN A 35 -1.25 -3.40 16.63
CA ASN A 35 -0.53 -3.96 17.77
C ASN A 35 0.47 -4.99 17.26
N SER A 36 1.36 -4.50 16.40
CA SER A 36 2.26 -5.39 15.66
C SER A 36 3.31 -6.11 16.51
N ARG A 37 3.56 -5.63 17.72
CA ARG A 37 4.47 -6.35 18.63
C ARG A 37 3.92 -7.70 19.07
N LYS A 38 2.59 -7.85 19.03
CA LYS A 38 1.93 -9.04 19.53
C LYS A 38 1.86 -10.15 18.48
N LYS A 39 2.53 -11.27 18.76
CA LYS A 39 2.65 -12.39 17.83
C LYS A 39 2.31 -13.65 18.60
N PRO A 40 1.27 -14.40 18.22
CA PRO A 40 0.41 -14.13 17.05
C PRO A 40 -0.57 -12.98 17.25
N GLY A 41 -0.86 -12.64 18.51
CA GLY A 41 -1.96 -11.76 18.81
C GLY A 41 -3.25 -12.53 18.70
N THR A 42 -4.34 -11.93 19.18
CA THR A 42 -5.65 -12.57 19.20
C THR A 42 -6.64 -11.75 18.40
N LEU A 43 -7.28 -12.39 17.42
CA LEU A 43 -8.30 -11.76 16.61
C LEU A 43 -9.40 -11.18 17.50
N PHE A 44 -9.79 -9.94 17.17
CA PHE A 44 -10.80 -9.13 17.86
C PHE A 44 -10.31 -8.45 19.13
N LYS A 45 -9.11 -8.80 19.60
CA LYS A 45 -8.53 -8.19 20.78
C LYS A 45 -7.36 -7.29 20.38
N ASP A 46 -6.41 -7.86 19.63
CA ASP A 46 -5.20 -7.14 19.22
C ASP A 46 -5.28 -6.59 17.80
N TYR A 47 -6.13 -7.20 16.98
CA TYR A 47 -6.25 -6.83 15.57
C TYR A 47 -7.59 -7.31 15.09
N THR A 48 -8.01 -6.79 13.96
CA THR A 48 -9.25 -7.21 13.34
C THR A 48 -9.11 -7.18 11.84
N TYR A 49 -9.90 -8.00 11.17
CA TYR A 49 -10.10 -7.85 9.72
C TYR A 49 -11.33 -6.98 9.49
N PRO A 50 -11.49 -6.48 8.26
CA PRO A 50 -12.60 -5.53 8.04
C PRO A 50 -13.96 -6.22 8.04
N ALA A 51 -14.99 -5.46 8.38
CA ALA A 51 -16.35 -5.93 8.24
C ALA A 51 -16.69 -5.99 6.75
N ALA A 52 -17.50 -6.96 6.36
CA ALA A 52 -18.01 -6.99 4.98
C ALA A 52 -18.68 -5.65 4.58
N SER A 53 -19.39 -5.04 5.53
CA SER A 53 -20.05 -3.76 5.29
C SER A 53 -19.09 -2.63 4.93
N ASP A 54 -17.83 -2.74 5.34
CA ASP A 54 -16.81 -1.76 4.94
C ASP A 54 -16.66 -1.79 3.42
N PHE A 55 -16.52 -3.00 2.87
CA PHE A 55 -16.34 -3.15 1.43
C PHE A 55 -17.51 -2.57 0.66
N SER A 56 -18.74 -2.89 1.10
CA SER A 56 -19.92 -2.40 0.37
C SER A 56 -20.07 -0.88 0.50
N TYR A 57 -19.72 -0.32 1.66
CA TYR A 57 -19.77 1.14 1.85
C TYR A 57 -18.85 1.84 0.83
N PHE A 58 -17.60 1.38 0.74
CA PHE A 58 -16.67 2.05 -0.15
C PHE A 58 -17.01 1.80 -1.61
N ALA A 59 -17.52 0.60 -1.92
CA ALA A 59 -17.99 0.33 -3.29
C ALA A 59 -19.10 1.32 -3.68
N GLY A 60 -19.97 1.62 -2.73
CA GLY A 60 -21.07 2.55 -2.97
C GLY A 60 -20.63 3.98 -3.22
N LYS A 61 -19.43 4.30 -2.74
CA LYS A 61 -18.79 5.59 -2.99
C LYS A 61 -17.98 5.63 -4.27
N GLY A 62 -17.95 4.51 -5.02
CA GLY A 62 -17.25 4.47 -6.29
C GLY A 62 -15.86 3.86 -6.23
N MET A 63 -15.50 3.33 -5.08
N MET A 63 -15.45 3.44 -5.02
CA MET A 63 -14.15 2.82 -4.94
CA MET A 63 -14.12 2.87 -4.80
C MET A 63 -14.05 1.37 -5.25
C MET A 63 -14.09 1.41 -5.28
N ASN A 64 -13.17 1.08 -6.20
CA ASN A 64 -13.04 -0.28 -6.71
C ASN A 64 -11.82 -1.02 -6.20
N THR A 65 -11.09 -0.42 -5.25
CA THR A 65 -9.85 -1.02 -4.74
C THR A 65 -9.75 -0.87 -3.23
N ILE A 66 -9.38 -1.96 -2.57
CA ILE A 66 -9.11 -1.96 -1.15
C ILE A 66 -7.69 -2.43 -0.92
N ARG A 67 -6.91 -1.64 -0.19
CA ARG A 67 -5.60 -2.09 0.29
C ARG A 67 -5.78 -2.66 1.69
N LEU A 68 -5.29 -3.88 1.86
CA LEU A 68 -5.48 -4.63 3.09
C LEU A 68 -4.15 -4.90 3.78
N PRO A 69 -3.76 -4.04 4.75
CA PRO A 69 -2.61 -4.35 5.58
C PRO A 69 -2.79 -5.64 6.39
N PHE A 70 -1.74 -6.45 6.47
CA PHE A 70 -1.71 -7.58 7.40
C PHE A 70 -0.24 -7.86 7.70
N LEU A 71 0.02 -8.65 8.74
CA LEU A 71 1.38 -8.84 9.21
C LEU A 71 1.98 -10.14 8.73
N TRP A 72 3.22 -10.03 8.26
CA TRP A 72 4.03 -11.18 7.91
C TRP A 72 4.06 -12.21 9.05
N GLU A 73 4.26 -11.73 10.26
CA GLU A 73 4.39 -12.60 11.43
C GLU A 73 3.10 -13.38 11.72
N ARG A 74 1.95 -12.80 11.35
CA ARG A 74 0.67 -13.45 11.57
C ARG A 74 0.30 -14.44 10.47
N VAL A 75 0.68 -14.18 9.22
CA VAL A 75 0.39 -15.11 8.14
C VAL A 75 1.44 -16.22 7.98
N GLN A 76 2.66 -15.96 8.47
CA GLN A 76 3.77 -16.93 8.41
C GLN A 76 4.55 -16.88 9.73
N PRO A 77 4.10 -17.67 10.72
CA PRO A 77 4.66 -17.60 12.08
C PRO A 77 6.11 -18.03 12.24
N GLU A 78 6.65 -18.74 11.24
CA GLU A 78 8.06 -19.11 11.23
C GLU A 78 8.59 -18.81 9.85
N LEU A 79 9.72 -18.10 9.78
CA LEU A 79 10.34 -17.80 8.50
C LEU A 79 10.59 -19.10 7.74
N ASN A 80 10.34 -19.03 6.43
CA ASN A 80 10.46 -20.17 5.53
C ASN A 80 9.50 -21.31 5.78
N GLY A 81 8.51 -21.09 6.64
CA GLY A 81 7.59 -22.14 7.04
C GLY A 81 6.20 -21.97 6.45
N PRO A 82 5.31 -22.90 6.78
CA PRO A 82 3.96 -22.89 6.22
C PRO A 82 3.17 -21.66 6.61
N LEU A 83 2.22 -21.29 5.78
CA LEU A 83 1.32 -20.20 6.10
C LEU A 83 0.34 -20.66 7.19
N ASP A 84 -0.06 -19.70 8.03
CA ASP A 84 -1.06 -19.94 9.04
C ASP A 84 -2.43 -20.00 8.37
N GLN A 85 -3.12 -21.12 8.51
CA GLN A 85 -4.35 -21.32 7.74
C GLN A 85 -5.49 -20.45 8.22
N ALA A 86 -5.54 -20.17 9.52
CA ALA A 86 -6.58 -19.26 10.04
C ALA A 86 -6.38 -17.87 9.49
N GLN A 87 -5.14 -17.39 9.48
CA GLN A 87 -4.86 -16.06 8.95
C GLN A 87 -5.17 -16.00 7.46
N LEU A 88 -4.74 -17.05 6.74
CA LEU A 88 -5.07 -17.14 5.33
C LEU A 88 -6.58 -17.15 5.06
N GLY A 89 -7.34 -17.84 5.91
CA GLY A 89 -8.79 -17.83 5.83
C GLY A 89 -9.41 -16.48 6.00
N LEU A 90 -8.85 -15.67 6.89
CA LEU A 90 -9.33 -14.30 7.10
C LEU A 90 -9.09 -13.45 5.86
N ILE A 91 -7.90 -13.59 5.28
CA ILE A 91 -7.60 -12.90 4.03
C ILE A 91 -8.55 -13.34 2.92
N LYS A 92 -8.78 -14.65 2.80
CA LYS A 92 -9.68 -15.16 1.77
C LYS A 92 -11.13 -14.64 1.98
N LYS A 93 -11.55 -14.49 3.22
CA LYS A 93 -12.87 -13.96 3.53
C LYS A 93 -12.98 -12.48 3.07
N SER A 94 -11.93 -11.71 3.29
CA SER A 94 -11.89 -10.34 2.79
C SER A 94 -11.90 -10.31 1.26
N LEU A 95 -11.17 -11.25 0.65
CA LEU A 95 -11.19 -11.35 -0.82
C LEU A 95 -12.60 -11.63 -1.35
N GLU A 96 -13.35 -12.53 -0.69
CA GLU A 96 -14.72 -12.81 -1.12
C GLU A 96 -15.57 -11.55 -1.11
N ALA A 97 -15.39 -10.74 -0.06
CA ALA A 97 -16.16 -9.47 0.07
C ALA A 97 -15.78 -8.50 -1.02
N ALA A 98 -14.47 -8.35 -1.26
CA ALA A 98 -14.01 -7.48 -2.34
C ALA A 98 -14.60 -7.93 -3.68
N LYS A 99 -14.47 -9.23 -4.00
CA LYS A 99 -15.00 -9.73 -5.28
C LYS A 99 -16.49 -9.51 -5.41
N ALA A 100 -17.23 -9.75 -4.32
CA ALA A 100 -18.68 -9.57 -4.32
C ALA A 100 -19.08 -8.14 -4.61
N ASN A 101 -18.20 -7.20 -4.26
CA ASN A 101 -18.42 -5.76 -4.48
C ASN A 101 -17.67 -5.20 -5.68
N LYS A 102 -17.19 -6.10 -6.54
CA LYS A 102 -16.46 -5.78 -7.76
C LYS A 102 -15.24 -4.90 -7.46
N GLN A 103 -14.55 -5.25 -6.37
CA GLN A 103 -13.31 -4.58 -5.99
C GLN A 103 -12.09 -5.47 -6.17
N TYR A 104 -10.96 -4.79 -6.38
CA TYR A 104 -9.64 -5.40 -6.32
C TYR A 104 -9.14 -5.34 -4.87
N LEU A 105 -8.33 -6.32 -4.49
CA LEU A 105 -7.78 -6.38 -3.15
C LEU A 105 -6.26 -6.41 -3.24
N ILE A 106 -5.61 -5.39 -2.66
CA ILE A 106 -4.17 -5.35 -2.54
C ILE A 106 -3.79 -6.01 -1.21
N LEU A 107 -3.04 -7.11 -1.33
CA LEU A 107 -2.47 -7.76 -0.16
C LEU A 107 -1.22 -7.01 0.22
N ASP A 108 -1.30 -6.23 1.29
CA ASP A 108 -0.19 -5.37 1.73
C ASP A 108 0.51 -6.01 2.91
N LEU A 109 1.69 -6.58 2.65
CA LEU A 109 2.50 -7.14 3.72
C LEU A 109 3.09 -5.96 4.48
N HIS A 110 2.49 -5.64 5.63
CA HIS A 110 2.66 -4.32 6.21
C HIS A 110 3.78 -4.29 7.22
N ASN A 111 5.01 -4.48 6.72
CA ASN A 111 6.10 -4.86 7.61
C ASN A 111 7.37 -4.01 7.65
N TYR A 112 7.47 -2.96 6.85
CA TYR A 112 8.58 -2.00 7.00
C TYR A 112 9.95 -2.66 6.81
N ALA A 113 9.96 -3.71 5.97
CA ALA A 113 11.17 -4.52 5.75
C ALA A 113 11.72 -5.18 7.03
N THR A 114 10.84 -5.55 7.94
CA THR A 114 11.22 -6.25 9.16
C THR A 114 10.34 -7.48 9.39
N TYR A 115 10.89 -8.43 10.15
CA TYR A 115 10.16 -9.57 10.67
C TYR A 115 10.55 -9.68 12.14
N SER A 116 9.55 -9.65 13.02
CA SER A 116 9.78 -9.66 14.45
C SER A 116 10.87 -8.66 14.86
N GLY A 117 10.80 -7.47 14.27
CA GLY A 117 11.68 -6.37 14.65
C GLY A 117 13.08 -6.36 14.08
N LYS A 118 13.41 -7.39 13.28
CA LYS A 118 14.72 -7.51 12.65
C LYS A 118 14.61 -7.17 11.16
N ARG A 119 15.59 -6.43 10.66
CA ARG A 119 15.58 -5.94 9.28
C ARG A 119 15.92 -7.02 8.28
N ILE A 120 15.24 -7.00 7.14
CA ILE A 120 15.66 -7.80 5.99
C ILE A 120 17.10 -7.49 5.64
N GLY A 121 17.90 -8.51 5.36
CA GLY A 121 19.31 -8.33 5.04
C GLY A 121 20.24 -8.65 6.21
N THR A 122 19.68 -8.68 7.42
CA THR A 122 20.44 -9.16 8.57
C THR A 122 20.53 -10.67 8.50
N SER A 123 21.37 -11.26 9.36
CA SER A 123 21.48 -12.72 9.41
C SER A 123 20.14 -13.34 9.83
N ASP A 124 19.41 -12.66 10.71
CA ASP A 124 18.11 -13.16 11.21
C ASP A 124 17.03 -13.25 10.12
N VAL A 125 17.07 -12.33 9.15
CA VAL A 125 16.02 -12.23 8.12
C VAL A 125 16.64 -12.02 6.74
N PRO A 126 17.11 -13.10 6.12
CA PRO A 126 17.64 -13.01 4.75
C PRO A 126 16.58 -12.59 3.75
N ALA A 127 16.99 -11.89 2.71
CA ALA A 127 16.09 -11.47 1.62
C ALA A 127 15.29 -12.65 1.05
N GLY A 128 15.92 -13.83 1.01
CA GLY A 128 15.22 -15.02 0.55
C GLY A 128 13.98 -15.37 1.34
N ALA A 129 13.95 -15.03 2.63
CA ALA A 129 12.76 -15.29 3.44
C ALA A 129 11.54 -14.54 2.90
N LEU A 130 11.75 -13.30 2.45
CA LEU A 130 10.63 -12.55 1.85
C LEU A 130 10.16 -13.18 0.54
N ALA A 131 11.12 -13.68 -0.24
CA ALA A 131 10.77 -14.38 -1.48
C ALA A 131 9.94 -15.63 -1.21
N ASP A 132 10.23 -16.33 -0.11
CA ASP A 132 9.49 -17.53 0.26
C ASP A 132 8.05 -17.17 0.66
N LEU A 133 7.92 -16.15 1.48
CA LEU A 133 6.58 -15.64 1.85
C LEU A 133 5.76 -15.40 0.57
N TRP A 134 6.32 -14.64 -0.36
CA TRP A 134 5.59 -14.29 -1.58
C TRP A 134 5.35 -15.44 -2.54
N ARG A 135 6.28 -16.39 -2.60
CA ARG A 135 6.04 -17.63 -3.32
C ARG A 135 4.75 -18.28 -2.82
N ARG A 136 4.64 -18.39 -1.51
CA ARG A 136 3.52 -19.08 -0.89
C ARG A 136 2.21 -18.32 -1.13
N LEU A 137 2.22 -16.99 -0.96
CA LEU A 137 1.01 -16.23 -1.23
C LEU A 137 0.64 -16.29 -2.71
N ALA A 138 1.65 -16.24 -3.59
CA ALA A 138 1.39 -16.31 -5.02
C ALA A 138 0.74 -17.66 -5.38
N LEU A 139 1.20 -18.75 -4.76
CA LEU A 139 0.59 -20.05 -5.00
C LEU A 139 -0.88 -20.08 -4.60
N GLU A 140 -1.22 -19.33 -3.55
CA GLU A 140 -2.59 -19.29 -3.06
C GLU A 140 -3.50 -18.47 -3.95
N PHE A 141 -2.98 -17.40 -4.51
CA PHE A 141 -3.83 -16.39 -5.16
C PHE A 141 -3.55 -16.19 -6.64
N LYS A 142 -2.76 -17.09 -7.24
CA LYS A 142 -2.36 -16.90 -8.64
C LYS A 142 -3.52 -16.90 -9.61
N ASP A 143 -4.52 -17.73 -9.32
CA ASP A 143 -5.66 -17.88 -10.20
C ASP A 143 -6.70 -16.79 -9.92
N ASP A 144 -6.26 -15.60 -9.47
CA ASP A 144 -7.26 -14.60 -9.12
C ASP A 144 -6.99 -13.17 -9.54
N LYS A 145 -7.78 -12.73 -10.51
CA LYS A 145 -7.64 -11.43 -11.16
C LYS A 145 -7.90 -10.26 -10.22
N ALA A 146 -8.62 -10.52 -9.13
CA ALA A 146 -8.90 -9.48 -8.16
C ALA A 146 -7.73 -9.18 -7.23
N VAL A 147 -6.74 -10.07 -7.17
CA VAL A 147 -5.69 -9.92 -6.16
C VAL A 147 -4.45 -9.26 -6.72
N ILE A 148 -3.98 -8.25 -5.97
CA ILE A 148 -2.78 -7.49 -6.31
C ILE A 148 -1.79 -7.72 -5.16
N PHE A 149 -0.52 -7.91 -5.48
CA PHE A 149 0.49 -8.23 -4.48
C PHE A 149 1.31 -7.00 -4.08
N GLY A 150 1.07 -6.50 -2.87
CA GLY A 150 1.79 -5.35 -2.31
C GLY A 150 3.00 -5.87 -1.52
N LEU A 151 4.14 -5.94 -2.20
CA LEU A 151 5.31 -6.66 -1.67
C LEU A 151 5.72 -6.30 -0.25
N MET A 152 5.74 -5.01 0.07
CA MET A 152 6.22 -4.58 1.39
C MET A 152 5.83 -3.16 1.70
N ASN A 153 5.18 -2.93 2.84
CA ASN A 153 4.91 -1.56 3.26
C ASN A 153 6.16 -0.86 3.73
N GLU A 154 6.46 0.26 3.07
CA GLU A 154 7.49 1.22 3.52
C GLU A 154 8.80 0.60 4.00
N PRO A 155 9.50 -0.12 3.11
CA PRO A 155 10.86 -0.45 3.49
C PRO A 155 11.66 0.79 3.89
N ASN A 156 12.54 0.65 4.89
CA ASN A 156 13.44 1.67 5.34
C ASN A 156 14.57 0.98 6.09
N GLY A 157 15.66 1.69 6.39
CA GLY A 157 16.74 1.08 7.16
C GLY A 157 17.52 0.05 6.34
N ILE A 158 17.43 0.19 5.03
CA ILE A 158 18.09 -0.70 4.09
C ILE A 158 18.41 0.18 2.87
N SER A 159 19.58 0.01 2.28
CA SER A 159 19.95 0.85 1.15
C SER A 159 19.05 0.56 -0.06
N ALA A 160 19.03 1.50 -0.99
CA ALA A 160 18.20 1.33 -2.17
C ALA A 160 18.65 0.14 -3.03
N PRO A 161 19.97 -0.04 -3.22
CA PRO A 161 20.38 -1.21 -3.98
C PRO A 161 20.10 -2.54 -3.27
N ASP A 162 20.29 -2.60 -1.95
CA ASP A 162 19.97 -3.83 -1.22
C ASP A 162 18.48 -4.14 -1.25
N TRP A 163 17.65 -3.11 -1.09
CA TRP A 163 16.21 -3.30 -1.17
C TRP A 163 15.81 -3.73 -2.59
N ALA A 164 16.42 -3.11 -3.60
CA ALA A 164 16.12 -3.49 -4.99
C ALA A 164 16.44 -4.97 -5.23
N ASN A 165 17.55 -5.45 -4.65
CA ASN A 165 17.89 -6.86 -4.75
C ASN A 165 16.82 -7.75 -4.11
N ALA A 166 16.37 -7.33 -2.92
CA ALA A 166 15.32 -8.09 -2.21
C ALA A 166 14.04 -8.11 -3.03
N ALA A 167 13.69 -6.95 -3.57
CA ALA A 167 12.51 -6.83 -4.41
C ALA A 167 12.60 -7.68 -5.67
N GLN A 168 13.77 -7.69 -6.31
CA GLN A 168 13.95 -8.51 -7.50
C GLN A 168 13.73 -9.99 -7.16
N GLY A 169 14.30 -10.43 -6.05
CA GLY A 169 14.14 -11.84 -5.63
C GLY A 169 12.68 -12.18 -5.41
N THR A 170 11.95 -11.22 -4.84
CA THR A 170 10.53 -11.43 -4.55
C THR A 170 9.69 -11.50 -5.84
N ILE A 171 9.93 -10.58 -6.78
CA ILE A 171 9.27 -10.59 -8.09
C ILE A 171 9.53 -11.91 -8.81
N THR A 172 10.81 -12.31 -8.82
CA THR A 172 11.18 -13.57 -9.44
C THR A 172 10.45 -14.76 -8.81
N ALA A 173 10.41 -14.80 -7.49
CA ALA A 173 9.71 -15.87 -6.79
C ALA A 173 8.23 -15.91 -7.15
N ILE A 174 7.59 -14.75 -7.20
CA ILE A 174 6.19 -14.73 -7.63
C ILE A 174 5.99 -15.26 -9.06
N ARG A 175 6.82 -14.81 -9.98
CA ARG A 175 6.64 -15.20 -11.37
C ARG A 175 6.96 -16.66 -11.61
N LYS A 176 7.86 -17.23 -10.80
CA LYS A 176 8.17 -18.66 -10.93
C LYS A 176 6.97 -19.56 -10.66
N THR A 177 5.98 -19.07 -9.89
CA THR A 177 4.78 -19.84 -9.63
C THR A 177 3.80 -19.85 -10.82
N GLY A 178 4.04 -19.00 -11.82
CA GLY A 178 3.10 -18.80 -12.93
C GLY A 178 2.11 -17.66 -12.70
N ALA A 179 2.15 -17.06 -11.50
CA ALA A 179 1.23 -15.97 -11.17
C ALA A 179 1.48 -14.78 -12.08
N LYS A 180 0.38 -14.26 -12.64
CA LYS A 180 0.44 -13.11 -13.54
C LYS A 180 -0.11 -11.83 -12.89
N ASN A 181 -0.43 -11.90 -11.60
CA ASN A 181 -1.03 -10.78 -10.88
C ASN A 181 -0.15 -9.52 -10.90
N LEU A 182 -0.79 -8.37 -10.81
CA LEU A 182 -0.07 -7.11 -10.66
C LEU A 182 0.74 -7.13 -9.34
N ILE A 183 2.00 -6.74 -9.43
CA ILE A 183 2.88 -6.59 -8.27
C ILE A 183 3.13 -5.10 -8.06
N LEU A 184 2.93 -4.64 -6.82
CA LEU A 184 3.29 -3.27 -6.44
C LEU A 184 4.64 -3.33 -5.70
N VAL A 185 5.62 -2.65 -6.29
CA VAL A 185 6.99 -2.67 -5.79
C VAL A 185 7.31 -1.32 -5.16
N PRO A 186 7.72 -1.30 -3.86
CA PRO A 186 8.12 -0.06 -3.23
C PRO A 186 9.63 0.18 -3.36
N GLY A 187 10.05 1.39 -3.04
CA GLY A 187 11.45 1.68 -2.75
C GLY A 187 11.73 1.64 -1.26
N THR A 188 12.97 1.95 -0.89
CA THR A 188 13.31 2.18 0.52
C THR A 188 12.93 3.63 0.93
N ALA A 189 13.44 4.13 2.05
CA ALA A 189 13.11 5.50 2.52
C ALA A 189 11.60 5.69 2.65
N TYR A 190 10.93 4.65 3.16
CA TYR A 190 9.48 4.65 3.37
C TYR A 190 8.70 4.87 2.06
N THR A 191 9.35 4.53 0.97
CA THR A 191 8.85 4.64 -0.39
C THR A 191 8.17 6.00 -0.66
N GLY A 192 8.78 7.06 -0.15
CA GLY A 192 8.19 8.39 -0.33
C GLY A 192 8.31 8.87 -1.77
N ALA A 193 7.24 9.39 -2.34
CA ALA A 193 7.35 9.93 -3.69
C ALA A 193 8.34 11.09 -3.70
N HIS A 194 8.24 11.95 -2.68
CA HIS A 194 9.05 13.17 -2.61
C HIS A 194 10.56 12.94 -2.68
N SER A 195 11.01 11.82 -2.08
CA SER A 195 12.42 11.51 -1.95
C SER A 195 12.93 10.47 -2.94
N TRP A 196 12.11 10.14 -3.91
CA TRP A 196 12.39 9.06 -4.85
C TRP A 196 13.74 9.24 -5.55
N ARG A 197 14.09 10.49 -5.86
CA ARG A 197 15.28 10.77 -6.67
C ARG A 197 16.44 11.30 -5.84
N SER A 198 16.30 11.29 -4.51
CA SER A 198 17.31 11.90 -3.64
C SER A 198 18.58 11.06 -3.60
N THR A 199 19.71 11.72 -3.82
CA THR A 199 21.01 11.10 -3.74
C THR A 199 21.84 11.59 -2.56
N SER A 200 21.23 12.35 -1.64
CA SER A 200 21.98 12.93 -0.51
C SER A 200 22.80 11.88 0.22
N TYR A 201 22.16 10.74 0.51
CA TYR A 201 22.75 9.72 1.35
C TYR A 201 23.30 8.54 0.54
N GLY A 202 23.38 8.66 -0.78
CA GLY A 202 23.83 7.57 -1.62
C GLY A 202 22.93 7.32 -2.83
N VAL A 203 22.69 6.05 -3.16
CA VAL A 203 21.93 5.71 -4.35
C VAL A 203 20.46 5.95 -4.10
N SER A 204 19.79 6.59 -5.07
CA SER A 204 18.36 6.88 -4.96
C SER A 204 17.53 5.67 -5.31
N ASN A 205 16.27 5.67 -4.89
CA ASN A 205 15.33 4.67 -5.34
C ASN A 205 15.22 4.67 -6.86
N ALA A 206 15.22 5.87 -7.43
CA ALA A 206 15.10 6.02 -8.86
C ALA A 206 16.18 5.21 -9.59
N LYS A 207 17.43 5.40 -9.17
CA LYS A 207 18.56 4.72 -9.81
C LYS A 207 18.55 3.22 -9.50
N ALA A 208 18.33 2.89 -8.24
CA ALA A 208 18.42 1.49 -7.82
C ALA A 208 17.38 0.62 -8.52
N LEU A 209 16.18 1.14 -8.68
CA LEU A 209 15.07 0.37 -9.19
C LEU A 209 14.97 0.31 -10.71
N GLU A 210 15.78 1.12 -11.40
CA GLU A 210 15.91 1.05 -12.86
C GLU A 210 16.23 -0.34 -13.36
N ILE A 211 16.97 -1.11 -12.56
CA ILE A 211 17.43 -2.40 -13.04
C ILE A 211 16.46 -3.55 -12.80
N LEU A 212 15.32 -3.30 -12.16
CA LEU A 212 14.37 -4.37 -11.93
C LEU A 212 13.83 -4.94 -13.24
N LYS A 213 13.62 -6.25 -13.24
CA LYS A 213 13.04 -6.97 -14.35
C LYS A 213 11.88 -7.80 -13.86
N ASP A 214 10.76 -7.72 -14.58
CA ASP A 214 9.59 -8.55 -14.28
C ASP A 214 9.30 -9.35 -15.52
N PRO A 215 9.60 -10.65 -15.50
CA PRO A 215 9.33 -11.46 -16.69
C PRO A 215 7.86 -11.59 -17.02
N GLY A 216 6.99 -11.26 -16.06
CA GLY A 216 5.54 -11.24 -16.28
C GLY A 216 5.00 -9.91 -16.76
N ASN A 217 5.87 -8.90 -16.83
CA ASN A 217 5.47 -7.61 -17.34
C ASN A 217 4.20 -7.04 -16.73
N ASN A 218 4.10 -7.09 -15.41
CA ASN A 218 2.90 -6.60 -14.75
C ASN A 218 3.24 -6.07 -13.38
N LEU A 219 3.92 -4.94 -13.40
CA LEU A 219 4.52 -4.33 -12.24
C LEU A 219 4.05 -2.87 -12.18
N ALA A 220 3.92 -2.35 -10.97
CA ALA A 220 3.84 -0.89 -10.79
C ALA A 220 4.64 -0.54 -9.55
N PHE A 221 5.12 0.70 -9.51
CA PHE A 221 5.93 1.19 -8.39
C PHE A 221 5.02 1.91 -7.41
N GLU A 222 5.09 1.47 -6.16
CA GLU A 222 4.25 2.02 -5.10
C GLU A 222 5.03 3.10 -4.38
N ALA A 223 4.46 4.30 -4.35
CA ALA A 223 4.97 5.39 -3.52
C ALA A 223 3.89 5.82 -2.53
N HIS A 224 4.33 6.45 -1.45
CA HIS A 224 3.45 7.06 -0.46
C HIS A 224 3.76 8.54 -0.38
N GLN A 225 2.75 9.34 -0.04
CA GLN A 225 2.99 10.74 0.11
C GLN A 225 2.07 11.39 1.13
N TYR A 226 2.67 11.93 2.17
CA TYR A 226 1.98 12.75 3.18
C TYR A 226 2.48 14.19 3.05
N LEU A 227 1.69 15.11 3.60
CA LEU A 227 1.85 16.54 3.28
C LEU A 227 2.27 17.42 4.46
N ASP A 228 2.52 16.80 5.62
CA ASP A 228 3.09 17.51 6.77
C ASP A 228 4.60 17.75 6.61
N LYS A 229 5.22 18.45 7.56
CA LYS A 229 6.57 18.99 7.37
C LYS A 229 7.62 17.94 7.00
N ASP A 230 7.51 16.75 7.59
CA ASP A 230 8.46 15.68 7.30
C ASP A 230 7.85 14.52 6.52
N TYR A 231 6.65 14.72 5.97
CA TYR A 231 6.03 13.74 5.10
C TYR A 231 5.76 12.41 5.79
N SER A 232 5.54 12.48 7.10
CA SER A 232 5.29 11.31 7.93
C SER A 232 3.81 11.04 8.18
N GLY A 233 2.97 12.06 7.94
CA GLY A 233 1.57 11.96 8.32
C GLY A 233 1.39 11.91 9.83
N THR A 234 2.32 12.51 10.55
CA THR A 234 2.30 12.59 12.01
C THR A 234 1.38 13.74 12.50
N LYS A 235 1.27 14.78 11.65
CA LYS A 235 0.51 15.99 12.03
C LYS A 235 -0.58 16.30 11.02
N PRO A 236 -1.68 16.94 11.49
CA PRO A 236 -2.82 17.23 10.63
C PRO A 236 -2.66 18.55 9.88
N VAL A 237 -1.49 18.75 9.29
CA VAL A 237 -1.15 19.98 8.59
C VAL A 237 -0.69 19.60 7.20
N CYS A 238 -1.12 20.35 6.21
CA CYS A 238 -0.58 20.30 4.86
C CYS A 238 0.21 21.59 4.72
N THR A 239 1.49 21.48 4.42
CA THR A 239 2.36 22.65 4.50
C THR A 239 2.05 23.77 3.50
N SER A 240 1.36 23.43 2.42
CA SER A 240 0.79 24.41 1.49
C SER A 240 -0.42 23.80 0.77
N ASP A 241 -1.16 24.63 0.05
CA ASP A 241 -2.31 24.14 -0.72
C ASP A 241 -1.93 23.45 -2.05
N SER A 242 -0.62 23.36 -2.35
CA SER A 242 -0.14 22.75 -3.59
C SER A 242 0.97 21.74 -3.35
N VAL A 243 1.34 21.46 -2.10
CA VAL A 243 2.52 20.63 -1.83
C VAL A 243 2.37 19.18 -2.30
N GLY A 244 1.16 18.64 -2.27
CA GLY A 244 0.96 17.26 -2.69
C GLY A 244 1.34 17.03 -4.14
N GLN A 245 0.77 17.81 -5.04
CA GLN A 245 1.05 17.66 -6.46
C GLN A 245 2.53 17.93 -6.72
N GLU A 246 3.11 18.90 -6.02
CA GLU A 246 4.52 19.24 -6.20
C GLU A 246 5.44 18.06 -5.88
N LYS A 247 5.15 17.38 -4.77
CA LYS A 247 5.94 16.24 -4.32
C LYS A 247 5.79 15.00 -5.19
N LEU A 248 4.74 14.91 -5.97
CA LEU A 248 4.55 13.80 -6.91
C LEU A 248 5.26 13.95 -8.25
N GLN A 249 5.74 15.16 -8.57
CA GLN A 249 6.24 15.42 -9.90
C GLN A 249 7.48 14.62 -10.29
N GLY A 250 8.48 14.56 -9.43
CA GLY A 250 9.74 13.86 -9.77
C GLY A 250 9.51 12.37 -10.01
N PHE A 251 8.72 11.77 -9.12
CA PHE A 251 8.34 10.37 -9.25
C PHE A 251 7.56 10.13 -10.53
N THR A 252 6.60 11.01 -10.82
CA THR A 252 5.80 10.89 -12.05
C THR A 252 6.69 10.89 -13.29
N SER A 253 7.64 11.83 -13.35
CA SER A 253 8.56 11.89 -14.48
C SER A 253 9.41 10.62 -14.57
N TRP A 254 9.89 10.13 -13.43
CA TRP A 254 10.67 8.89 -13.41
C TRP A 254 9.86 7.74 -14.02
N LEU A 255 8.58 7.62 -13.65
CA LEU A 255 7.74 6.59 -14.25
C LEU A 255 7.74 6.71 -15.76
N ARG A 256 7.55 7.93 -16.23
CA ARG A 256 7.45 8.18 -17.66
C ARG A 256 8.77 7.86 -18.36
N GLU A 257 9.87 8.29 -17.75
CA GLU A 257 11.23 8.07 -18.29
C GLU A 257 11.53 6.59 -18.49
N ASN A 258 11.01 5.77 -17.58
CA ASN A 258 11.27 4.34 -17.58
C ASN A 258 10.14 3.49 -18.12
N LYS A 259 9.10 4.13 -18.67
CA LYS A 259 7.94 3.45 -19.23
C LYS A 259 7.32 2.53 -18.19
N GLN A 260 7.23 3.02 -16.96
CA GLN A 260 6.62 2.28 -15.86
C GLN A 260 5.32 2.95 -15.39
N LYS A 261 4.61 2.24 -14.53
CA LYS A 261 3.37 2.74 -13.91
C LYS A 261 3.59 2.88 -12.42
N GLY A 262 2.79 3.76 -11.80
CA GLY A 262 2.86 4.04 -10.37
C GLY A 262 1.52 3.89 -9.65
N PHE A 263 1.61 3.69 -8.35
CA PHE A 263 0.45 3.52 -7.49
C PHE A 263 0.73 4.25 -6.18
N LEU A 264 -0.19 5.15 -5.80
CA LEU A 264 -0.04 5.88 -4.55
C LEU A 264 -0.69 5.04 -3.42
N GLY A 265 0.12 4.18 -2.81
CA GLY A 265 -0.38 3.19 -1.85
C GLY A 265 -0.91 3.76 -0.53
N GLU A 266 -0.38 4.91 -0.13
CA GLU A 266 -0.90 5.68 0.99
C GLU A 266 -0.72 7.16 0.70
N PHE A 267 -1.75 7.92 1.10
CA PHE A 267 -1.70 9.36 1.17
C PHE A 267 -2.87 9.77 2.03
N ALA A 268 -2.79 10.98 2.58
CA ALA A 268 -3.85 11.51 3.43
C ALA A 268 -3.65 12.99 3.62
N THR A 269 -4.76 13.66 3.91
CA THR A 269 -4.84 15.07 4.22
C THR A 269 -5.85 15.22 5.36
N ALA A 270 -5.64 16.20 6.24
CA ALA A 270 -6.55 16.49 7.33
C ALA A 270 -7.74 17.33 6.88
N ASN A 271 -8.73 17.44 7.76
CA ASN A 271 -9.97 18.12 7.43
C ASN A 271 -9.86 19.62 7.69
N ASN A 272 -9.24 20.33 6.76
CA ASN A 272 -9.16 21.78 6.83
C ASN A 272 -9.01 22.39 5.44
N PRO A 273 -9.25 23.70 5.29
CA PRO A 273 -9.29 24.25 3.93
C PRO A 273 -8.02 24.09 3.10
N VAL A 274 -6.86 24.31 3.72
CA VAL A 274 -5.59 24.23 2.99
C VAL A 274 -5.37 22.80 2.53
N CYS A 275 -5.63 21.86 3.43
CA CYS A 275 -5.49 20.43 3.11
C CYS A 275 -6.48 19.99 2.01
N ASP A 276 -7.74 20.44 2.10
CA ASP A 276 -8.72 20.07 1.07
C ASP A 276 -8.26 20.58 -0.29
N LYS A 277 -7.71 21.80 -0.35
CA LYS A 277 -7.16 22.31 -1.62
C LYS A 277 -5.99 21.44 -2.12
N ALA A 278 -5.10 21.09 -1.21
CA ALA A 278 -3.96 20.23 -1.55
C ALA A 278 -4.43 18.86 -2.04
N LEU A 279 -5.46 18.33 -1.40
CA LEU A 279 -6.02 17.03 -1.79
C LEU A 279 -6.60 17.10 -3.20
N GLU A 280 -7.44 18.09 -3.48
CA GLU A 280 -7.99 18.29 -4.83
C GLU A 280 -6.85 18.41 -5.86
N GLY A 281 -5.82 19.16 -5.50
CA GLY A 281 -4.70 19.37 -6.39
C GLY A 281 -3.97 18.07 -6.72
N MET A 282 -3.74 17.23 -5.71
CA MET A 282 -3.00 16.00 -5.97
C MET A 282 -3.84 14.97 -6.71
N LEU A 283 -5.15 14.90 -6.40
CA LEU A 283 -6.04 14.00 -7.14
C LEU A 283 -6.18 14.42 -8.60
N THR A 284 -6.35 15.72 -8.83
CA THR A 284 -6.39 16.26 -10.19
C THR A 284 -5.07 15.99 -10.94
N TYR A 285 -3.95 16.14 -10.24
CA TYR A 285 -2.65 15.91 -10.83
C TYR A 285 -2.51 14.46 -11.29
N MET A 286 -2.92 13.51 -10.45
CA MET A 286 -2.82 12.11 -10.84
C MET A 286 -3.74 11.80 -12.04
N GLU A 287 -4.94 12.39 -12.06
CA GLU A 287 -5.85 12.22 -13.21
C GLU A 287 -5.24 12.74 -14.51
N LYS A 288 -4.59 13.91 -14.44
CA LYS A 288 -3.96 14.53 -15.60
C LYS A 288 -2.78 13.69 -16.10
N ASN A 289 -2.19 12.93 -15.18
CA ASN A 289 -1.04 12.08 -15.47
C ASN A 289 -1.38 10.59 -15.36
N SER A 290 -2.57 10.25 -15.85
CA SER A 290 -3.09 8.90 -15.79
C SER A 290 -2.43 7.94 -16.78
N ASP A 291 -1.57 8.45 -17.67
CA ASP A 291 -0.72 7.59 -18.50
C ASP A 291 0.25 6.74 -17.65
N VAL A 292 0.67 7.29 -16.52
CA VAL A 292 1.55 6.57 -15.61
C VAL A 292 0.95 6.24 -14.23
N TRP A 293 0.02 7.05 -13.72
CA TRP A 293 -0.65 6.70 -12.45
C TRP A 293 -1.75 5.67 -12.65
N LEU A 294 -1.54 4.47 -12.08
CA LEU A 294 -2.54 3.41 -12.14
C LEU A 294 -3.64 3.63 -11.13
N GLY A 295 -3.29 4.25 -10.01
CA GLY A 295 -4.28 4.53 -8.99
C GLY A 295 -3.72 4.93 -7.65
N TRP A 296 -4.61 4.89 -6.66
CA TRP A 296 -4.31 5.31 -5.32
C TRP A 296 -5.23 4.66 -4.31
N THR A 297 -4.72 4.58 -3.07
CA THR A 297 -5.51 4.16 -1.92
C THR A 297 -5.24 5.06 -0.74
N TRP A 298 -6.29 5.74 -0.29
CA TRP A 298 -6.22 6.64 0.84
C TRP A 298 -5.91 5.92 2.15
N TRP A 299 -5.09 6.54 3.00
CA TRP A 299 -4.90 6.09 4.38
C TRP A 299 -5.75 6.97 5.30
N ALA A 300 -6.79 6.44 5.97
CA ALA A 300 -7.26 5.05 5.96
C ALA A 300 -8.69 5.01 6.44
N ALA A 301 -9.31 3.86 6.27
CA ALA A 301 -10.55 3.53 6.96
C ALA A 301 -10.32 2.29 7.81
N GLY A 302 -11.41 1.68 8.25
CA GLY A 302 -11.34 0.59 9.24
C GLY A 302 -12.00 0.99 10.53
N ALA A 303 -12.50 0.00 11.27
CA ALA A 303 -13.40 0.25 12.40
C ALA A 303 -12.71 0.63 13.71
N TRP A 304 -11.38 0.60 13.74
CA TRP A 304 -10.64 0.72 15.00
C TRP A 304 -9.87 2.04 15.19
N TRP A 305 -10.11 3.00 14.30
CA TRP A 305 -9.61 4.35 14.50
C TRP A 305 -10.47 5.04 15.54
N LYS A 306 -9.84 5.85 16.37
CA LYS A 306 -10.55 6.74 17.30
C LYS A 306 -11.25 7.85 16.51
N PRO A 307 -12.31 8.43 17.08
CA PRO A 307 -13.04 9.56 16.49
C PRO A 307 -12.14 10.74 16.07
N ASP A 308 -11.09 11.00 16.85
CA ASP A 308 -10.18 12.12 16.60
C ASP A 308 -9.04 11.83 15.60
N TYR A 309 -8.97 10.61 15.06
CA TYR A 309 -7.92 10.31 14.08
C TYR A 309 -8.11 11.22 12.85
N PRO A 310 -7.10 12.03 12.51
CA PRO A 310 -7.36 13.08 11.50
C PRO A 310 -7.60 12.59 10.08
N PHE A 311 -7.24 11.33 9.78
CA PHE A 311 -7.32 10.85 8.40
C PHE A 311 -8.37 9.77 8.18
N THR A 312 -9.20 9.50 9.17
CA THR A 312 -10.19 8.44 8.98
C THR A 312 -11.25 8.82 7.94
N VAL A 313 -11.57 7.90 7.04
CA VAL A 313 -12.77 8.00 6.22
C VAL A 313 -13.74 6.84 6.48
N GLN A 314 -13.57 6.17 7.62
CA GLN A 314 -14.52 5.16 8.06
C GLN A 314 -15.81 5.86 8.38
N PRO A 315 -16.93 5.41 7.80
CA PRO A 315 -18.20 6.08 8.07
C PRO A 315 -18.55 5.99 9.55
N GLY A 316 -19.28 6.99 10.02
CA GLY A 316 -19.71 7.01 11.42
C GLY A 316 -20.64 5.85 11.73
N LYS A 317 -20.71 5.49 13.01
CA LYS A 317 -21.77 4.61 13.52
C LYS A 317 -23.16 5.08 13.04
N ASP A 318 -23.32 6.40 12.89
CA ASP A 318 -24.57 6.96 12.34
C ASP A 318 -24.75 6.81 10.82
N GLY A 319 -23.77 6.19 10.14
CA GLY A 319 -23.81 5.99 8.68
C GLY A 319 -23.25 7.15 7.87
N SER A 320 -22.93 8.26 8.54
CA SER A 320 -22.53 9.50 7.85
C SER A 320 -21.13 9.41 7.27
N ASP A 321 -20.93 10.11 6.16
CA ASP A 321 -19.64 10.19 5.51
C ASP A 321 -18.68 11.11 6.27
N LYS A 322 -17.40 10.75 6.26
CA LYS A 322 -16.34 11.60 6.79
C LYS A 322 -16.02 12.74 5.82
N PRO A 323 -15.50 13.86 6.33
CA PRO A 323 -15.31 15.07 5.48
C PRO A 323 -14.51 14.85 4.21
N GLN A 324 -13.42 14.08 4.29
CA GLN A 324 -12.57 13.90 3.11
C GLN A 324 -13.19 13.02 2.04
N MET A 325 -14.14 12.17 2.45
CA MET A 325 -14.81 11.30 1.48
C MET A 325 -15.55 12.05 0.38
N ALA A 326 -16.09 13.22 0.70
CA ALA A 326 -16.78 13.99 -0.31
C ALA A 326 -15.83 14.35 -1.47
N ILE A 327 -14.55 14.56 -1.17
CA ILE A 327 -13.58 14.86 -2.23
C ILE A 327 -13.10 13.57 -2.95
N LEU A 328 -12.76 12.54 -2.18
CA LEU A 328 -12.37 11.26 -2.76
C LEU A 328 -13.43 10.70 -3.69
N SER A 329 -14.69 10.77 -3.27
CA SER A 329 -15.79 10.26 -4.07
C SER A 329 -15.92 10.98 -5.44
N LYS A 330 -15.56 12.26 -5.48
CA LYS A 330 -15.60 13.03 -6.73
C LYS A 330 -14.65 12.50 -7.80
N TYR A 331 -13.56 11.87 -7.34
CA TYR A 331 -12.54 11.34 -8.23
C TYR A 331 -12.67 9.82 -8.42
N ALA A 332 -13.78 9.26 -7.97
CA ALA A 332 -14.03 7.81 -8.05
C ALA A 332 -15.31 7.48 -8.80
C2 BGC B . 10.50 10.65 6.22
C3 BGC B . 9.25 10.13 6.90
C4 BGC B . 9.63 9.26 8.11
C5 BGC B . 10.64 9.95 9.02
C6 BGC B . 11.14 8.97 10.09
C1 BGC B . 11.41 11.34 7.24
O1 BGC B . 12.62 11.79 6.61
O2 BGC B . 10.13 11.54 5.16
O3 BGC B . 8.48 9.42 5.93
O4 BGC B . 8.51 8.97 8.93
O5 BGC B . 11.76 10.44 8.29
O6 BGC B . 11.86 9.69 11.11
C2 BGC B . 7.11 7.28 9.81
C3 BGC B . 6.21 6.10 9.45
C4 BGC B . 5.20 6.50 8.37
C5 BGC B . 5.90 7.18 7.19
C6 BGC B . 4.89 7.72 6.18
C1 BGC B . 7.73 7.85 8.55
O2 BGC B . 8.14 6.86 10.72
O3 BGC B . 5.52 5.65 10.62
O4 BGC B . 4.48 5.32 7.97
O5 BGC B . 6.72 8.28 7.63
O6 BGC B . 5.55 8.39 5.12
C2 BGC C . -1.09 5.52 12.77
C3 BGC C . -0.95 4.60 13.99
C4 BGC C . -1.42 3.18 13.65
C5 BGC C . -0.89 2.70 12.31
C6 BGC C . -1.57 1.40 11.91
C1 BGC C . -0.43 4.90 11.55
O1 BGC C . -0.56 5.74 10.40
O2 BGC C . -0.47 6.78 13.08
O3 BGC C . -1.72 5.15 15.06
O4 BGC C . -0.90 2.26 14.61
O5 BGC C . -1.11 3.67 11.29
O6 BGC C . -0.94 0.84 10.78
C2 BGC C . -1.21 0.65 16.30
C3 BGC C . -2.06 0.19 17.47
C4 BGC C . -2.64 1.37 18.23
C5 BGC C . -3.30 2.38 17.28
C6 BGC C . -3.90 3.58 18.00
C1 BGC C . -1.88 1.75 15.50
O2 BGC C . -0.95 -0.47 15.46
O3 BGC C . -1.20 -0.58 18.32
O4 BGC C . -3.60 0.90 19.17
O5 BGC C . -2.32 2.83 16.33
O6 BGC C . -2.92 4.16 18.87
#